data_2Q7X
#
_entry.id   2Q7X
#
_cell.length_a   64.520
_cell.length_b   69.350
_cell.length_c   169.420
_cell.angle_alpha   90.000
_cell.angle_beta   90.000
_cell.angle_gamma   90.000
#
_symmetry.space_group_name_H-M   'P 21 21 21'
#
loop_
_entity.id
_entity.type
_entity.pdbx_description
1 polymer 'UPF0052 protein SP_1565'
2 non-polymer 'CHLORIDE ION'
3 non-polymer DI(HYDROXYETHYL)ETHER
4 water water
#
_entity_poly.entity_id   1
_entity_poly.type   'polypeptide(L)'
_entity_poly.pdbx_seq_one_letter_code
;G(MSE)R(MLY)P(MLY)ITVIGGGTGSPVIL(MLY)SLRE(MLY)DVEIAAIVTVADDGGSSGELR(MLY)N(MSE)QQ
LTPPGDLRNVLVA(MSE)SD(MSE)P(MLY)FYE(MLY)VFQYRFSEDAGAFAGHPLGNLIIAGLSE(MSE)QGSTYNA
(MSE)QLLS(MLY)FFHTTG(MLY)IYPSSDHPLTLHAVFQDGTEVAGESHIVDHRGIIDNVYVTNALNDDTPLASRRVV
QTILESD(MSE)IVLGPGSLFTSILPNIVI(MLY)EIGRALLET(MLY)AEIAYVCNI(MSE)TQRGETEHFTDSDHVEV
LHRHLGRPFIDTVLVNIE(MLY)VPQEY(MSE)NSNRFDEYLVQVEHDFVGLC(MLY)QVSRVISSNFLRLENGGAFHDG
DLIVDEL(MSE)RIIQV(MLY)(MLY)
;
_entity_poly.pdbx_strand_id   A,B
#
# COMPACT_ATOMS: atom_id res chain seq x y z
N ARG A 3 -10.44 -31.99 -9.72
CA ARG A 3 -10.33 -30.58 -9.32
C ARG A 3 -9.68 -30.43 -7.95
N PRO A 5 -9.33 -29.38 -4.09
CA PRO A 5 -10.29 -29.21 -2.99
C PRO A 5 -10.52 -27.74 -2.67
N ILE A 7 -11.68 -25.06 0.34
CA ILE A 7 -11.64 -24.88 1.79
C ILE A 7 -12.06 -23.45 2.13
N THR A 8 -13.06 -23.29 2.99
CA THR A 8 -13.51 -21.99 3.45
C THR A 8 -13.17 -21.83 4.93
N VAL A 9 -12.46 -20.74 5.27
CA VAL A 9 -12.08 -20.46 6.64
C VAL A 9 -13.05 -19.42 7.16
N ILE A 10 -13.64 -19.67 8.32
CA ILE A 10 -14.61 -18.74 8.94
C ILE A 10 -14.08 -18.28 10.25
N GLY A 11 -13.93 -16.97 10.37
CA GLY A 11 -13.53 -16.35 11.62
CA GLY A 11 -13.55 -16.34 11.65
C GLY A 11 -12.37 -15.49 11.25
C GLY A 11 -12.06 -16.24 11.89
N GLY A 12 -11.31 -16.14 10.79
CA GLY A 12 -10.04 -15.49 10.68
C GLY A 12 -9.42 -14.68 11.80
N GLY A 13 -9.41 -15.23 13.01
CA GLY A 13 -8.80 -14.54 14.13
C GLY A 13 -7.32 -14.89 14.30
N THR A 14 -6.84 -14.80 15.54
CA THR A 14 -5.45 -15.05 15.84
C THR A 14 -5.13 -16.54 15.64
N GLY A 15 -4.03 -16.81 14.92
CA GLY A 15 -3.65 -18.16 14.48
C GLY A 15 -4.08 -18.53 13.04
N SER A 16 -5.02 -17.79 12.47
N SER A 16 -5.03 -17.76 12.50
CA SER A 16 -5.47 -18.10 11.11
CA SER A 16 -5.53 -17.99 11.13
C SER A 16 -4.45 -17.76 10.03
C SER A 16 -4.47 -17.76 10.06
N PRO A 17 -3.62 -16.71 10.22
CA PRO A 17 -2.59 -16.49 9.19
C PRO A 17 -1.63 -17.64 8.95
N VAL A 18 -1.20 -18.34 10.00
CA VAL A 18 -0.28 -19.51 9.74
C VAL A 18 -1.02 -20.69 9.08
N ILE A 19 -2.28 -20.89 9.46
CA ILE A 19 -3.13 -21.88 8.79
C ILE A 19 -3.30 -21.52 7.31
N LEU A 20 -3.71 -20.28 7.04
CA LEU A 20 -3.82 -19.80 5.65
C LEU A 20 -2.51 -19.92 4.81
N SER A 22 -0.04 -22.14 5.38
CA SER A 22 0.13 -23.56 5.10
C SER A 22 -0.86 -24.06 4.06
N LEU A 23 -2.09 -23.58 4.10
CA LEU A 23 -3.07 -24.00 3.10
C LEU A 23 -2.67 -23.57 1.69
N ARG A 24 -2.04 -22.39 1.58
CA ARG A 24 -1.61 -21.88 0.29
C ARG A 24 -0.51 -22.72 -0.34
N GLU A 25 0.34 -23.32 0.48
CA GLU A 25 1.38 -24.26 0.00
C GLU A 25 0.80 -25.56 -0.48
N ASP A 27 -2.36 -27.78 -2.56
CA ASP A 27 -3.00 -27.53 -3.85
C ASP A 27 -4.50 -27.35 -3.71
N VAL A 28 -4.94 -26.21 -3.14
CA VAL A 28 -6.36 -25.99 -2.68
C VAL A 28 -6.90 -24.56 -2.94
N GLU A 29 -8.18 -24.41 -3.33
CA GLU A 29 -8.83 -23.08 -3.38
C GLU A 29 -9.26 -22.65 -1.99
N ILE A 30 -9.09 -21.37 -1.66
CA ILE A 30 -9.38 -20.85 -0.34
C ILE A 30 -10.35 -19.70 -0.39
N ALA A 31 -11.32 -19.72 0.51
CA ALA A 31 -12.25 -18.62 0.64
C ALA A 31 -12.21 -18.27 2.12
N ALA A 32 -12.36 -17.01 2.46
CA ALA A 32 -12.41 -16.61 3.87
C ALA A 32 -13.69 -15.81 4.12
N ILE A 33 -14.35 -16.05 5.25
CA ILE A 33 -15.55 -15.29 5.65
C ILE A 33 -15.16 -14.59 6.95
N VAL A 34 -15.41 -13.28 7.01
CA VAL A 34 -15.14 -12.44 8.19
C VAL A 34 -16.33 -11.55 8.47
N THR A 35 -16.52 -11.24 9.75
CA THR A 35 -17.53 -10.28 10.21
C THR A 35 -16.85 -8.90 10.27
N VAL A 36 -17.57 -7.89 9.80
CA VAL A 36 -17.09 -6.50 9.73
C VAL A 36 -18.27 -5.76 10.31
N ALA A 37 -18.24 -5.53 11.63
CA ALA A 37 -19.44 -5.02 12.34
C ALA A 37 -19.18 -3.65 12.98
N ASP A 38 -20.25 -3.04 13.51
CA ASP A 38 -20.20 -1.76 14.31
C ASP A 38 -19.40 -0.70 13.58
N ASP A 39 -19.88 -0.39 12.37
CA ASP A 39 -19.03 0.12 11.33
C ASP A 39 -19.52 1.47 10.80
N GLY A 40 -18.64 2.48 10.87
CA GLY A 40 -18.84 3.76 10.20
C GLY A 40 -19.95 4.63 10.76
N GLY A 41 -20.82 5.11 9.88
CA GLY A 41 -21.96 5.96 10.26
C GLY A 41 -23.06 5.18 10.98
N SER A 42 -23.09 3.86 10.76
CA SER A 42 -24.11 2.99 11.37
C SER A 42 -23.76 2.53 12.81
N SER A 43 -22.56 2.86 13.30
CA SER A 43 -22.11 2.42 14.65
C SER A 43 -22.76 3.18 15.86
N GLY A 44 -23.44 4.32 15.63
CA GLY A 44 -24.11 5.06 16.72
C GLY A 44 -23.16 5.80 17.66
N GLU A 45 -21.94 6.05 17.17
CA GLU A 45 -20.88 6.73 17.90
C GLU A 45 -20.52 7.98 17.13
N LEU A 46 -20.10 9.02 17.85
CA LEU A 46 -19.51 10.23 17.25
C LEU A 46 -18.20 9.86 16.50
N ARG A 47 -17.88 10.59 15.44
CA ARG A 47 -16.75 10.25 14.55
C ARG A 47 -15.37 10.32 15.25
N ASN A 49 -14.88 9.65 18.45
CA ASN A 49 -14.90 8.56 19.47
C ASN A 49 -14.40 7.20 18.97
N GLN A 51 -11.87 5.48 16.58
CA GLN A 51 -10.70 5.26 15.71
C GLN A 51 -9.46 5.04 16.58
N PRO A 56 -9.88 -3.28 13.52
CA PRO A 56 -9.58 -4.62 14.03
C PRO A 56 -8.91 -5.64 13.06
N GLY A 57 -8.44 -6.74 13.66
CA GLY A 57 -7.39 -7.59 13.10
C GLY A 57 -7.85 -8.77 12.30
N ASP A 58 -9.08 -9.23 12.48
CA ASP A 58 -9.63 -10.31 11.65
C ASP A 58 -9.39 -10.05 10.16
N LEU A 59 -9.81 -8.86 9.70
CA LEU A 59 -9.68 -8.47 8.28
C LEU A 59 -8.19 -8.31 7.94
N ARG A 60 -7.47 -7.61 8.78
CA ARG A 60 -6.06 -7.35 8.50
C ARG A 60 -5.25 -8.65 8.34
N ASN A 61 -5.58 -9.63 9.18
CA ASN A 61 -4.90 -10.92 9.22
C ASN A 61 -5.16 -11.67 7.92
N VAL A 62 -6.44 -11.74 7.54
CA VAL A 62 -6.86 -12.43 6.31
C VAL A 62 -6.30 -11.71 5.06
N LEU A 63 -6.40 -10.39 5.01
CA LEU A 63 -5.86 -9.61 3.87
C LEU A 63 -4.37 -9.87 3.60
N VAL A 64 -3.55 -9.80 4.64
CA VAL A 64 -2.12 -10.01 4.54
C VAL A 64 -1.81 -11.50 4.19
N ALA A 65 -2.50 -12.42 4.85
CA ALA A 65 -2.31 -13.89 4.60
C ALA A 65 -2.68 -14.31 3.17
N SER A 67 -2.62 -12.13 0.53
CA SER A 67 -2.01 -11.16 -0.39
C SER A 67 -1.07 -11.85 -1.35
N ASP A 68 -0.66 -11.16 -2.40
CA ASP A 68 0.22 -11.79 -3.35
C ASP A 68 1.65 -11.93 -2.83
N PRO A 70 2.77 -12.36 0.97
CA PRO A 70 2.53 -12.32 2.42
C PRO A 70 3.74 -11.94 3.28
N PHE A 72 6.47 -10.13 2.46
CA PHE A 72 6.55 -8.68 2.22
C PHE A 72 5.53 -7.91 3.05
N TYR A 73 4.24 -8.24 2.90
CA TYR A 73 3.17 -7.47 3.57
C TYR A 73 3.11 -7.67 5.11
N GLU A 74 3.55 -8.81 5.64
CA GLU A 74 3.70 -8.94 7.11
C GLU A 74 4.77 -8.00 7.61
N VAL A 76 5.96 -5.25 6.21
CA VAL A 76 5.38 -3.90 6.06
C VAL A 76 4.23 -3.63 7.05
N PHE A 77 3.15 -4.39 6.94
CA PHE A 77 1.99 -4.27 7.87
C PHE A 77 2.34 -4.81 9.27
N GLN A 78 3.26 -4.13 9.96
CA GLN A 78 3.74 -4.55 11.29
C GLN A 78 4.86 -3.67 11.78
N TYR A 79 5.70 -3.15 10.89
CA TYR A 79 6.73 -2.18 11.30
C TYR A 79 6.06 -1.04 12.05
N ARG A 80 6.74 -0.48 13.05
CA ARG A 80 6.19 0.63 13.84
C ARG A 80 7.15 1.79 13.87
N PHE A 81 6.62 2.99 13.80
CA PHE A 81 7.48 4.15 13.82
C PHE A 81 8.10 4.26 15.22
N SER A 82 9.04 5.17 15.39
CA SER A 82 9.53 5.53 16.74
C SER A 82 9.90 7.02 16.81
N GLU A 83 10.36 7.51 15.66
CA GLU A 83 10.37 8.94 15.30
C GLU A 83 10.36 9.89 16.50
N PHE A 88 4.67 11.65 15.89
CA PHE A 88 3.53 10.88 15.40
C PHE A 88 2.91 10.01 16.52
N ALA A 89 3.64 9.07 17.12
CA ALA A 89 5.09 8.84 16.90
C ALA A 89 5.48 7.35 16.82
N GLY A 90 4.76 6.47 17.52
CA GLY A 90 5.13 5.06 17.66
C GLY A 90 4.03 4.10 17.26
N HIS A 91 3.30 4.43 16.20
CA HIS A 91 2.19 3.61 15.77
C HIS A 91 2.58 2.64 14.62
N PRO A 92 1.90 1.47 14.51
CA PRO A 92 2.11 0.53 13.40
C PRO A 92 1.60 1.00 12.01
N LEU A 93 2.49 0.96 11.02
CA LEU A 93 2.15 1.20 9.61
C LEU A 93 1.33 0.02 9.15
N GLY A 94 0.37 0.22 8.25
CA GLY A 94 -0.48 -0.90 7.86
C GLY A 94 -1.75 -1.00 8.66
N ASN A 95 -1.66 -0.66 9.95
CA ASN A 95 -2.88 -0.36 10.69
C ASN A 95 -3.40 1.02 10.20
N LEU A 96 -2.46 1.91 9.88
CA LEU A 96 -2.74 3.24 9.35
C LEU A 96 -3.35 3.21 7.92
N ILE A 97 -2.98 2.23 7.10
CA ILE A 97 -3.60 2.02 5.78
C ILE A 97 -5.07 1.55 5.86
N ILE A 98 -5.39 0.65 6.76
CA ILE A 98 -6.77 0.20 6.88
C ILE A 98 -7.62 1.32 7.49
N ALA A 99 -7.03 2.06 8.43
CA ALA A 99 -7.70 3.21 9.07
C ALA A 99 -8.04 4.25 8.03
N GLY A 100 -7.08 4.53 7.17
CA GLY A 100 -7.22 5.55 6.13
C GLY A 100 -8.28 5.25 5.09
N LEU A 101 -8.22 4.04 4.55
CA LEU A 101 -9.17 3.65 3.49
C LEU A 101 -10.60 3.56 4.07
N SER A 102 -10.70 3.12 5.32
CA SER A 102 -12.02 3.04 5.98
C SER A 102 -12.64 4.41 6.23
N GLU A 103 -11.80 5.36 6.67
CA GLU A 103 -12.27 6.75 6.87
C GLU A 103 -12.66 7.35 5.53
N GLN A 105 -13.74 5.89 2.72
CA GLN A 105 -14.96 5.27 2.17
C GLN A 105 -16.14 5.35 3.12
N GLY A 106 -15.90 5.64 4.39
CA GLY A 106 -16.97 5.92 5.34
C GLY A 106 -17.27 4.77 6.26
N SER A 107 -16.81 3.58 5.89
CA SER A 107 -16.91 2.37 6.72
C SER A 107 -15.90 1.40 6.17
N THR A 108 -15.40 0.52 7.02
CA THR A 108 -14.57 -0.59 6.56
C THR A 108 -15.26 -1.50 5.56
N TYR A 109 -16.56 -1.73 5.76
CA TYR A 109 -17.37 -2.48 4.80
C TYR A 109 -17.25 -1.87 3.39
N ASN A 110 -17.41 -0.54 3.29
CA ASN A 110 -17.28 0.14 2.01
C ASN A 110 -15.86 0.16 1.44
N ALA A 111 -14.87 -0.13 2.30
CA ALA A 111 -13.45 -0.12 1.92
C ALA A 111 -12.98 -1.50 1.48
N GLN A 113 -13.50 -3.64 -0.98
CA GLN A 113 -13.01 -3.85 -2.34
C GLN A 113 -11.68 -3.08 -2.62
N LEU A 114 -11.59 -1.83 -2.18
CA LEU A 114 -10.30 -1.14 -2.20
C LEU A 114 -9.21 -1.96 -1.46
N LEU A 115 -9.55 -2.54 -0.32
CA LEU A 115 -8.54 -3.29 0.47
C LEU A 115 -8.03 -4.57 -0.21
N SER A 116 -8.91 -5.29 -0.90
CA SER A 116 -8.48 -6.45 -1.66
C SER A 116 -7.65 -6.08 -2.87
N PHE A 118 -5.71 -3.33 -2.92
CA PHE A 118 -4.47 -2.91 -2.28
C PHE A 118 -3.54 -4.08 -1.92
N PHE A 119 -4.10 -5.13 -1.33
CA PHE A 119 -3.32 -6.29 -0.91
C PHE A 119 -3.20 -7.32 -2.02
N HIS A 120 -3.79 -7.06 -3.18
CA HIS A 120 -3.73 -7.99 -4.30
C HIS A 120 -4.12 -9.39 -3.89
N THR A 121 -5.22 -9.49 -3.18
CA THR A 121 -5.56 -10.74 -2.53
C THR A 121 -5.86 -11.81 -3.60
N THR A 122 -5.54 -13.06 -3.24
CA THR A 122 -5.88 -14.27 -4.00
C THR A 122 -7.11 -14.92 -3.34
N GLY A 123 -7.82 -15.77 -4.03
CA GLY A 123 -9.05 -16.37 -3.48
C GLY A 123 -10.11 -15.33 -3.17
N ILE A 125 -12.41 -13.21 -0.23
CA ILE A 125 -12.68 -12.77 1.12
C ILE A 125 -14.05 -12.14 1.10
N TYR A 126 -14.98 -12.65 1.91
CA TYR A 126 -16.35 -12.15 1.92
C TYR A 126 -16.72 -11.69 3.28
N PRO A 127 -17.47 -10.61 3.37
CA PRO A 127 -18.09 -10.29 4.63
C PRO A 127 -19.23 -11.25 4.89
N SER A 128 -19.54 -11.48 6.15
CA SER A 128 -20.69 -12.34 6.52
C SER A 128 -22.07 -11.83 6.00
N SER A 129 -22.24 -10.53 5.88
CA SER A 129 -23.51 -9.92 5.46
C SER A 129 -23.23 -8.77 4.57
N ASP A 130 -24.23 -8.39 3.78
CA ASP A 130 -24.10 -7.23 2.94
C ASP A 130 -24.67 -5.97 3.53
N HIS A 131 -25.10 -6.03 4.78
CA HIS A 131 -25.62 -4.88 5.46
C HIS A 131 -24.85 -4.66 6.74
N PRO A 132 -24.94 -3.42 7.26
CA PRO A 132 -24.18 -3.07 8.44
C PRO A 132 -24.65 -3.84 9.64
N LEU A 133 -23.70 -4.39 10.39
CA LEU A 133 -24.03 -5.21 11.58
C LEU A 133 -23.52 -4.64 12.89
N THR A 134 -24.28 -4.83 13.95
CA THR A 134 -23.77 -4.59 15.33
C THR A 134 -23.64 -5.91 16.11
N LEU A 135 -22.52 -6.04 16.84
CA LEU A 135 -22.20 -7.16 17.68
C LEU A 135 -22.61 -6.86 19.10
N HIS A 136 -23.34 -7.79 19.73
CA HIS A 136 -23.79 -7.64 21.11
C HIS A 136 -23.28 -8.82 21.94
N ALA A 137 -22.78 -8.53 23.15
CA ALA A 137 -22.36 -9.54 24.13
C ALA A 137 -23.22 -9.41 25.36
N VAL A 138 -23.70 -10.55 25.87
CA VAL A 138 -24.38 -10.58 27.13
C VAL A 138 -23.42 -11.26 28.13
N PHE A 139 -23.10 -10.57 29.22
CA PHE A 139 -22.20 -11.05 30.24
C PHE A 139 -22.99 -11.87 31.28
N GLN A 140 -22.28 -12.64 32.09
CA GLN A 140 -22.90 -13.53 33.06
C GLN A 140 -23.87 -12.82 33.98
N ASP A 141 -23.62 -11.57 34.30
CA ASP A 141 -24.53 -10.88 35.19
C ASP A 141 -25.73 -10.28 34.49
N GLY A 142 -25.84 -10.51 33.17
CA GLY A 142 -26.95 -9.95 32.42
C GLY A 142 -26.66 -8.68 31.68
N THR A 143 -25.58 -7.98 32.02
CA THR A 143 -25.20 -6.75 31.28
C THR A 143 -24.98 -6.98 29.77
N GLU A 144 -25.53 -6.10 28.92
CA GLU A 144 -25.40 -6.20 27.45
C GLU A 144 -24.51 -5.06 26.96
N VAL A 145 -23.51 -5.37 26.16
CA VAL A 145 -22.56 -4.42 25.64
C VAL A 145 -22.55 -4.59 24.09
N ALA A 146 -22.61 -3.46 23.37
CA ALA A 146 -22.61 -3.45 21.89
C ALA A 146 -21.29 -2.91 21.35
N GLY A 147 -20.67 -3.58 20.41
CA GLY A 147 -19.40 -3.15 19.87
C GLY A 147 -18.18 -3.94 20.29
N GLU A 148 -17.45 -4.48 19.35
CA GLU A 148 -16.33 -5.35 19.70
C GLU A 148 -15.29 -4.71 20.61
N SER A 149 -14.99 -3.44 20.36
CA SER A 149 -13.94 -2.75 21.10
C SER A 149 -14.43 -2.51 22.54
N HIS A 150 -15.69 -2.08 22.66
CA HIS A 150 -16.41 -2.00 23.92
C HIS A 150 -16.56 -3.36 24.69
N ILE A 151 -16.84 -4.44 23.98
CA ILE A 151 -17.06 -5.75 24.59
C ILE A 151 -15.75 -6.19 25.21
N VAL A 152 -14.72 -6.08 24.41
CA VAL A 152 -13.39 -6.45 24.80
C VAL A 152 -12.87 -5.63 26.04
N ASP A 153 -13.36 -4.41 26.19
CA ASP A 153 -13.03 -3.54 27.33
C ASP A 153 -13.92 -3.75 28.56
N HIS A 154 -15.04 -4.46 28.42
CA HIS A 154 -15.96 -4.68 29.53
C HIS A 154 -15.51 -5.86 30.42
N ARG A 155 -15.37 -5.59 31.71
CA ARG A 155 -14.89 -6.58 32.67
C ARG A 155 -16.00 -7.61 32.89
N GLY A 156 -15.67 -8.88 32.75
CA GLY A 156 -16.58 -9.97 33.17
C GLY A 156 -16.52 -11.14 32.25
N ILE A 157 -17.27 -12.20 32.57
CA ILE A 157 -17.31 -13.41 31.74
C ILE A 157 -18.49 -13.33 30.77
N ILE A 158 -18.21 -13.57 29.49
CA ILE A 158 -19.20 -13.48 28.47
C ILE A 158 -20.02 -14.79 28.45
N ASP A 159 -21.34 -14.63 28.48
CA ASP A 159 -22.25 -15.76 28.37
C ASP A 159 -22.62 -16.07 26.90
N ASN A 160 -23.06 -15.05 26.17
CA ASN A 160 -23.41 -15.24 24.77
C ASN A 160 -23.28 -13.97 23.93
N VAL A 161 -23.19 -14.15 22.61
CA VAL A 161 -23.18 -13.03 21.65
C VAL A 161 -24.28 -13.14 20.60
N TYR A 162 -24.65 -12.01 19.99
CA TYR A 162 -25.63 -12.00 18.95
C TYR A 162 -25.41 -10.79 18.08
N VAL A 163 -25.88 -10.85 16.86
CA VAL A 163 -25.70 -9.76 15.94
C VAL A 163 -27.06 -9.18 15.53
N THR A 164 -27.10 -7.89 15.31
CA THR A 164 -28.30 -7.25 14.79
C THR A 164 -27.91 -6.42 13.61
N ASN A 165 -28.91 -6.00 12.81
CA ASN A 165 -28.66 -4.98 11.80
C ASN A 165 -28.44 -3.60 12.47
N ALA A 166 -27.42 -2.88 12.04
CA ALA A 166 -27.20 -1.52 12.56
C ALA A 166 -28.43 -0.61 12.25
N LEU A 167 -28.93 -0.71 11.01
CA LEU A 167 -29.88 0.25 10.49
C LEU A 167 -31.34 -0.11 10.61
N ASN A 168 -31.69 -1.26 11.17
CA ASN A 168 -33.11 -1.61 11.31
C ASN A 168 -33.31 -2.79 12.22
N ASP A 169 -34.57 -3.15 12.45
CA ASP A 169 -34.94 -4.29 13.28
C ASP A 169 -35.11 -5.60 12.48
N ASP A 170 -34.69 -5.62 11.22
CA ASP A 170 -34.85 -6.84 10.39
C ASP A 170 -33.82 -7.89 10.79
N THR A 171 -34.16 -9.15 10.58
CA THR A 171 -33.22 -10.23 10.82
C THR A 171 -31.97 -10.11 9.93
N PRO A 172 -30.76 -10.16 10.53
CA PRO A 172 -29.56 -10.11 9.67
C PRO A 172 -29.49 -11.29 8.64
N LEU A 173 -28.93 -11.03 7.48
CA LEU A 173 -28.94 -11.95 6.32
C LEU A 173 -27.53 -12.13 5.80
N ALA A 174 -27.19 -13.33 5.37
CA ALA A 174 -25.88 -13.62 4.86
C ALA A 174 -25.70 -12.99 3.52
N SER A 175 -24.47 -12.65 3.20
CA SER A 175 -24.15 -12.08 1.91
C SER A 175 -24.11 -13.11 0.79
N ARG A 176 -24.80 -14.29 0.92
CA ARG A 176 -25.35 -15.17 -0.22
C ARG A 176 -24.44 -15.90 -1.30
N ARG A 177 -23.54 -15.13 -1.91
CA ARG A 177 -22.27 -15.72 -2.30
C ARG A 177 -21.66 -16.48 -1.07
N VAL A 178 -21.90 -15.99 0.15
CA VAL A 178 -21.45 -16.70 1.37
C VAL A 178 -22.12 -18.09 1.53
N VAL A 179 -23.44 -18.14 1.42
CA VAL A 179 -24.17 -19.42 1.47
C VAL A 179 -23.67 -20.41 0.42
N GLN A 180 -23.55 -19.96 -0.82
CA GLN A 180 -23.14 -20.81 -1.90
C GLN A 180 -21.73 -21.29 -1.62
N THR A 181 -20.87 -20.44 -1.08
CA THR A 181 -19.50 -20.86 -0.81
C THR A 181 -19.41 -21.98 0.24
N ILE A 182 -20.16 -21.84 1.32
CA ILE A 182 -20.23 -22.87 2.34
C ILE A 182 -20.76 -24.17 1.78
N LEU A 183 -21.80 -24.08 0.94
CA LEU A 183 -22.44 -25.29 0.43
C LEU A 183 -21.56 -26.00 -0.60
N GLU A 184 -20.71 -25.26 -1.30
CA GLU A 184 -19.93 -25.88 -2.38
C GLU A 184 -18.52 -26.26 -1.90
N SER A 185 -18.19 -25.97 -0.65
CA SER A 185 -16.88 -26.32 -0.08
C SER A 185 -16.71 -27.81 0.16
N ASP A 186 -15.46 -28.26 0.13
CA ASP A 186 -15.12 -29.60 0.65
C ASP A 186 -14.83 -29.62 2.15
N ILE A 188 -14.91 -26.84 5.74
CA ILE A 188 -15.04 -25.61 6.47
C ILE A 188 -14.11 -25.71 7.67
N VAL A 189 -13.25 -24.69 7.83
CA VAL A 189 -12.40 -24.52 9.03
C VAL A 189 -12.94 -23.36 9.83
N LEU A 190 -13.48 -23.65 11.02
CA LEU A 190 -13.82 -22.62 11.98
C LEU A 190 -12.63 -22.34 12.84
N GLY A 191 -12.25 -21.09 12.88
CA GLY A 191 -11.13 -20.67 13.66
C GLY A 191 -9.85 -20.98 12.91
N PRO A 192 -8.73 -20.86 13.62
CA PRO A 192 -8.72 -20.45 15.02
C PRO A 192 -8.97 -18.92 15.16
N GLY A 193 -9.38 -18.50 16.35
CA GLY A 193 -9.62 -17.07 16.58
C GLY A 193 -10.35 -16.95 17.88
N SER A 194 -10.52 -15.75 18.40
CA SER A 194 -11.31 -15.61 19.60
C SER A 194 -12.76 -16.11 19.37
N LEU A 195 -13.25 -16.96 20.26
CA LEU A 195 -14.59 -17.54 20.10
C LEU A 195 -15.69 -16.50 20.01
N PHE A 196 -15.74 -15.59 20.98
CA PHE A 196 -16.81 -14.62 21.07
C PHE A 196 -16.74 -13.45 20.11
N THR A 197 -15.55 -13.01 19.77
CA THR A 197 -15.43 -11.83 18.92
C THR A 197 -14.96 -12.12 17.50
N SER A 198 -14.44 -13.32 17.20
CA SER A 198 -14.08 -13.68 15.82
C SER A 198 -14.97 -14.73 15.17
N ILE A 199 -15.16 -15.84 15.86
CA ILE A 199 -15.85 -17.00 15.23
C ILE A 199 -17.35 -16.85 15.34
N LEU A 200 -17.87 -16.71 16.57
CA LEU A 200 -19.34 -16.73 16.82
C LEU A 200 -20.17 -15.70 16.05
N PRO A 201 -19.66 -14.47 15.84
CA PRO A 201 -20.48 -13.48 15.11
C PRO A 201 -20.92 -13.96 13.71
N ASN A 202 -20.09 -14.80 13.08
CA ASN A 202 -20.43 -15.40 11.80
C ASN A 202 -21.52 -16.46 11.88
N ILE A 203 -21.51 -17.28 12.91
CA ILE A 203 -22.37 -18.43 12.89
C ILE A 203 -23.76 -18.11 13.46
N VAL A 204 -23.90 -16.94 14.10
CA VAL A 204 -25.19 -16.54 14.65
C VAL A 204 -26.08 -15.82 13.61
N ILE A 205 -25.62 -15.70 12.38
CA ILE A 205 -26.45 -15.25 11.30
C ILE A 205 -27.15 -16.46 10.71
N GLU A 207 -28.68 -17.61 8.11
N GLU A 207 -28.75 -17.66 8.05
CA GLU A 207 -28.48 -18.19 6.79
CA GLU A 207 -28.48 -18.40 6.78
C GLU A 207 -27.10 -18.88 6.70
C GLU A 207 -27.11 -19.05 6.81
N ILE A 208 -26.17 -18.45 7.55
CA ILE A 208 -24.86 -19.05 7.66
C ILE A 208 -25.02 -20.31 8.56
N GLY A 209 -25.75 -20.22 9.67
CA GLY A 209 -25.98 -21.38 10.51
C GLY A 209 -26.71 -22.51 9.73
N ARG A 210 -27.67 -22.16 8.88
CA ARG A 210 -28.31 -23.15 8.03
C ARG A 210 -27.33 -23.80 7.03
N ALA A 211 -26.51 -22.99 6.36
CA ALA A 211 -25.55 -23.51 5.40
C ALA A 211 -24.57 -24.46 6.07
N LEU A 212 -24.13 -24.14 7.27
CA LEU A 212 -23.27 -25.05 8.01
C LEU A 212 -23.96 -26.39 8.32
N LEU A 213 -25.22 -26.32 8.67
CA LEU A 213 -25.99 -27.52 8.96
C LEU A 213 -26.22 -28.40 7.77
N GLU A 214 -26.37 -27.79 6.60
CA GLU A 214 -26.74 -28.47 5.36
C GLU A 214 -25.60 -28.86 4.44
N THR A 215 -24.43 -28.25 4.61
CA THR A 215 -23.34 -28.47 3.70
C THR A 215 -22.84 -29.89 3.75
N ALA A 217 -19.75 -30.35 3.03
CA ALA A 217 -18.39 -30.13 3.55
C ALA A 217 -18.15 -30.76 4.93
N GLU A 218 -16.92 -31.18 5.20
CA GLU A 218 -16.52 -31.58 6.53
C GLU A 218 -16.31 -30.27 7.31
N ILE A 219 -16.93 -30.11 8.48
CA ILE A 219 -16.73 -28.95 9.36
C ILE A 219 -15.73 -29.27 10.47
N ALA A 220 -14.61 -28.55 10.46
CA ALA A 220 -13.47 -28.76 11.34
C ALA A 220 -13.32 -27.52 12.22
N TYR A 221 -13.23 -27.71 13.54
CA TYR A 221 -12.96 -26.58 14.44
C TYR A 221 -11.56 -26.68 14.97
N VAL A 222 -10.76 -25.63 14.83
CA VAL A 222 -9.43 -25.55 15.37
C VAL A 222 -9.51 -24.74 16.66
N CYS A 223 -9.32 -25.41 17.78
CA CYS A 223 -9.50 -24.78 19.07
C CYS A 223 -8.31 -23.88 19.43
N ASN A 224 -8.56 -22.93 20.34
CA ASN A 224 -7.54 -22.06 20.84
C ASN A 224 -6.42 -22.79 21.58
N ILE A 225 -5.22 -22.25 21.49
CA ILE A 225 -4.15 -22.66 22.42
C ILE A 225 -4.38 -22.18 23.86
N THR A 227 -6.73 -19.52 26.72
CA THR A 227 -7.94 -18.80 27.10
C THR A 227 -7.78 -17.32 26.77
N GLN A 228 -8.91 -16.64 26.64
CA GLN A 228 -8.97 -15.26 26.25
C GLN A 228 -9.58 -14.43 27.35
N ARG A 229 -9.46 -13.11 27.21
CA ARG A 229 -10.21 -12.18 28.06
C ARG A 229 -11.70 -12.52 27.95
N GLY A 230 -12.41 -12.49 29.06
CA GLY A 230 -13.82 -12.80 29.04
C GLY A 230 -14.12 -14.28 29.12
N GLU A 231 -13.05 -15.10 29.28
CA GLU A 231 -13.18 -16.53 29.49
C GLU A 231 -12.58 -16.95 30.83
N THR A 232 -13.16 -17.96 31.45
CA THR A 232 -12.66 -18.46 32.75
C THR A 232 -11.46 -19.41 32.64
N GLU A 233 -10.78 -19.61 33.76
CA GLU A 233 -9.58 -20.47 33.78
C GLU A 233 -9.88 -21.88 33.28
N HIS A 234 -11.06 -22.40 33.64
CA HIS A 234 -11.44 -23.78 33.35
C HIS A 234 -12.43 -23.86 32.23
N PHE A 235 -12.32 -22.93 31.27
CA PHE A 235 -13.12 -22.97 30.02
C PHE A 235 -12.41 -23.94 29.08
N THR A 236 -12.86 -25.19 29.10
CA THR A 236 -12.16 -26.30 28.44
C THR A 236 -12.41 -26.29 26.94
N ASP A 237 -11.61 -27.06 26.22
CA ASP A 237 -11.88 -27.29 24.81
C ASP A 237 -13.30 -27.83 24.55
N SER A 238 -13.73 -28.79 25.36
CA SER A 238 -15.10 -29.25 25.34
C SER A 238 -16.13 -28.13 25.48
N ASP A 239 -15.93 -27.26 26.47
CA ASP A 239 -16.75 -26.06 26.68
C ASP A 239 -16.79 -25.11 25.49
N HIS A 240 -15.66 -24.93 24.81
CA HIS A 240 -15.65 -24.15 23.58
C HIS A 240 -16.63 -24.72 22.51
N VAL A 241 -16.53 -26.03 22.27
CA VAL A 241 -17.45 -26.76 21.39
C VAL A 241 -18.88 -26.60 21.86
N GLU A 242 -19.11 -26.77 23.14
CA GLU A 242 -20.44 -26.52 23.67
C GLU A 242 -21.08 -25.15 23.42
N VAL A 243 -20.32 -24.07 23.62
CA VAL A 243 -20.73 -22.71 23.29
C VAL A 243 -21.02 -22.54 21.77
N LEU A 244 -20.16 -23.09 20.91
CA LEU A 244 -20.36 -22.98 19.47
C LEU A 244 -21.74 -23.62 19.13
N HIS A 245 -21.96 -24.82 19.66
CA HIS A 245 -23.16 -25.61 19.36
C HIS A 245 -24.40 -24.91 19.91
N ARG A 246 -24.30 -24.36 21.11
CA ARG A 246 -25.40 -23.57 21.67
C ARG A 246 -25.71 -22.34 20.85
N HIS A 247 -24.70 -21.65 20.33
CA HIS A 247 -24.96 -20.43 19.60
C HIS A 247 -25.62 -20.73 18.25
N LEU A 248 -25.18 -21.77 17.57
CA LEU A 248 -25.77 -22.11 16.30
C LEU A 248 -27.16 -22.67 16.52
N GLY A 249 -27.32 -23.45 17.57
CA GLY A 249 -28.60 -24.00 17.93
C GLY A 249 -28.71 -25.50 17.96
N ARG A 250 -27.71 -26.16 17.37
CA ARG A 250 -27.60 -27.61 17.31
C ARG A 250 -26.14 -28.01 17.22
N PRO A 251 -25.82 -29.23 17.62
CA PRO A 251 -24.52 -29.76 17.21
C PRO A 251 -24.24 -29.67 15.71
N PHE A 252 -23.01 -29.32 15.33
CA PHE A 252 -22.64 -29.21 13.91
C PHE A 252 -21.19 -29.42 13.59
N ILE A 253 -20.31 -29.43 14.58
CA ILE A 253 -18.87 -29.73 14.30
C ILE A 253 -18.62 -31.22 14.09
N ASP A 254 -17.95 -31.56 12.98
CA ASP A 254 -17.66 -32.92 12.58
C ASP A 254 -16.27 -33.40 13.09
N THR A 255 -15.31 -32.48 13.14
CA THR A 255 -13.93 -32.75 13.55
C THR A 255 -13.44 -31.58 14.41
N VAL A 256 -12.83 -31.86 15.55
CA VAL A 256 -12.22 -30.82 16.39
C VAL A 256 -10.76 -31.16 16.57
N LEU A 257 -9.89 -30.16 16.38
CA LEU A 257 -8.44 -30.31 16.59
C LEU A 257 -8.06 -29.46 17.81
N VAL A 258 -7.47 -30.12 18.80
CA VAL A 258 -7.08 -29.48 20.05
C VAL A 258 -5.60 -29.76 20.34
N ASN A 259 -4.91 -28.72 20.78
CA ASN A 259 -3.53 -28.85 21.25
C ASN A 259 -3.45 -29.46 22.65
N ILE A 260 -2.60 -30.47 22.84
CA ILE A 260 -2.33 -31.03 24.15
C ILE A 260 -0.85 -30.99 24.55
N GLU A 261 -0.03 -30.34 23.74
CA GLU A 261 1.35 -30.08 24.12
C GLU A 261 1.39 -28.95 25.13
N VAL A 263 2.25 -25.77 27.32
CA VAL A 263 2.94 -24.47 27.21
C VAL A 263 3.62 -24.29 28.58
N PRO A 264 4.96 -24.32 28.62
CA PRO A 264 5.66 -24.19 29.94
C PRO A 264 5.38 -22.90 30.67
N GLN A 265 5.15 -22.99 31.98
CA GLN A 265 4.95 -21.80 32.82
C GLN A 265 6.10 -20.80 32.68
N GLU A 266 7.33 -21.32 32.65
N GLU A 266 7.36 -21.27 32.67
CA GLU A 266 8.54 -20.50 32.51
CA GLU A 266 8.53 -20.37 32.51
C GLU A 266 8.54 -19.64 31.24
C GLU A 266 8.41 -19.53 31.26
N TYR A 267 7.89 -20.14 30.19
CA TYR A 267 7.81 -19.46 28.91
C TYR A 267 6.78 -18.35 29.03
N ASN A 269 5.80 -16.78 31.90
CA ASN A 269 6.47 -15.85 32.82
C ASN A 269 7.50 -14.96 32.11
N SER A 270 8.49 -15.62 31.47
CA SER A 270 9.60 -14.96 30.75
C SER A 270 9.11 -14.07 29.62
N ASN A 271 8.01 -14.47 28.99
CA ASN A 271 7.48 -13.72 27.85
C ASN A 271 6.39 -12.71 28.26
N ARG A 272 6.19 -12.54 29.57
CA ARG A 272 5.25 -11.55 30.10
C ARG A 272 3.84 -11.70 29.51
N PHE A 273 3.32 -12.93 29.52
CA PHE A 273 1.92 -13.21 29.13
C PHE A 273 0.98 -12.49 30.12
N ASP A 274 -0.22 -12.06 29.67
CA ASP A 274 -1.28 -11.64 30.61
C ASP A 274 -1.37 -12.78 31.61
N GLU A 275 -1.27 -12.46 32.89
CA GLU A 275 -1.09 -13.50 33.92
C GLU A 275 -2.37 -14.32 34.16
N TYR A 276 -3.46 -13.97 33.48
CA TYR A 276 -4.72 -14.64 33.72
C TYR A 276 -5.14 -15.48 32.51
N LEU A 277 -4.32 -15.51 31.47
CA LEU A 277 -4.60 -16.34 30.33
C LEU A 277 -3.87 -17.65 30.59
N VAL A 278 -4.54 -18.78 30.40
CA VAL A 278 -3.94 -20.07 30.66
C VAL A 278 -4.10 -20.95 29.45
N GLN A 279 -3.34 -22.05 29.42
CA GLN A 279 -3.52 -23.03 28.36
C GLN A 279 -4.95 -23.59 28.41
N VAL A 280 -5.58 -23.75 27.25
CA VAL A 280 -6.93 -24.32 27.24
C VAL A 280 -6.95 -25.72 27.84
N GLU A 281 -7.74 -25.92 28.89
CA GLU A 281 -7.78 -27.21 29.57
C GLU A 281 -8.47 -28.26 28.70
N HIS A 282 -7.99 -29.49 28.80
CA HIS A 282 -8.43 -30.54 27.92
C HIS A 282 -9.44 -31.44 28.62
N ASP A 283 -10.59 -31.67 27.97
CA ASP A 283 -11.59 -32.62 28.41
C ASP A 283 -11.99 -33.58 27.28
N PHE A 284 -11.31 -34.74 27.25
CA PHE A 284 -11.48 -35.69 26.15
C PHE A 284 -12.89 -36.27 26.14
N VAL A 285 -13.38 -36.67 27.31
CA VAL A 285 -14.70 -37.24 27.42
C VAL A 285 -15.77 -36.29 26.86
N GLY A 286 -15.68 -35.01 27.25
CA GLY A 286 -16.66 -34.02 26.87
C GLY A 286 -16.58 -33.75 25.38
N LEU A 287 -15.37 -33.74 24.81
CA LEU A 287 -15.19 -33.61 23.34
C LEU A 287 -15.80 -34.78 22.59
N CYS A 288 -15.52 -36.01 23.06
CA CYS A 288 -16.09 -37.20 22.41
C CYS A 288 -17.63 -37.32 22.45
N GLN A 290 -19.58 -34.91 22.08
CA GLN A 290 -20.10 -33.86 21.20
C GLN A 290 -19.70 -33.92 19.72
N VAL A 291 -18.56 -34.52 19.42
CA VAL A 291 -17.91 -34.42 18.08
C VAL A 291 -17.44 -35.84 17.69
N SER A 292 -17.77 -36.29 16.48
CA SER A 292 -17.37 -37.63 16.00
C SER A 292 -15.90 -37.93 15.91
N ARG A 293 -15.15 -36.95 15.47
CA ARG A 293 -13.73 -37.13 15.28
C ARG A 293 -12.99 -36.06 16.10
N VAL A 294 -12.29 -36.51 17.14
CA VAL A 294 -11.52 -35.63 18.01
C VAL A 294 -10.03 -35.90 17.76
N ILE A 295 -9.27 -34.86 17.45
CA ILE A 295 -7.86 -34.99 17.13
C ILE A 295 -7.08 -34.16 18.19
N SER A 296 -6.50 -34.86 19.15
CA SER A 296 -5.65 -34.25 20.19
C SER A 296 -4.18 -34.53 19.84
N SER A 297 -3.37 -33.50 19.68
CA SER A 297 -2.00 -33.71 19.27
C SER A 297 -1.19 -32.46 19.60
N ASN A 298 0.11 -32.50 19.39
CA ASN A 298 0.92 -31.32 19.42
C ASN A 298 0.65 -30.39 18.21
N PHE A 299 0.00 -29.26 18.45
CA PHE A 299 -0.21 -28.28 17.38
C PHE A 299 0.31 -26.92 17.84
N LEU A 300 1.38 -26.94 18.63
CA LEU A 300 1.88 -25.78 19.37
C LEU A 300 3.17 -25.31 18.75
N ARG A 301 3.31 -23.99 18.63
CA ARG A 301 4.55 -23.34 18.15
C ARG A 301 4.89 -22.26 19.16
N LEU A 302 6.01 -22.40 19.87
CA LEU A 302 6.45 -21.44 20.87
C LEU A 302 7.51 -20.59 20.23
N GLU A 303 7.10 -19.51 19.59
CA GLU A 303 8.06 -18.63 18.94
C GLU A 303 7.52 -17.21 18.90
N ASN A 304 8.41 -16.22 18.77
CA ASN A 304 8.02 -14.79 18.75
C ASN A 304 7.35 -14.31 20.05
N GLY A 305 7.84 -14.80 21.19
CA GLY A 305 7.30 -14.43 22.50
C GLY A 305 5.95 -15.03 22.93
N GLY A 306 5.40 -15.95 22.13
CA GLY A 306 4.05 -16.47 22.38
C GLY A 306 3.85 -17.96 22.17
N ALA A 307 2.60 -18.37 22.37
CA ALA A 307 2.15 -19.74 22.27
C ALA A 307 1.09 -19.74 21.19
N PHE A 308 1.52 -20.10 19.99
CA PHE A 308 0.71 -20.02 18.80
C PHE A 308 0.43 -21.39 18.19
N HIS A 309 -0.41 -21.39 17.19
CA HIS A 309 -0.71 -22.59 16.44
C HIS A 309 0.41 -22.87 15.45
N ASP A 310 0.71 -24.15 15.29
CA ASP A 310 1.62 -24.58 14.27
C ASP A 310 0.76 -24.91 13.07
N GLY A 311 0.85 -24.03 12.07
CA GLY A 311 0.06 -24.11 10.85
C GLY A 311 0.20 -25.40 10.08
N ASP A 312 1.45 -25.84 9.88
CA ASP A 312 1.71 -27.07 9.13
C ASP A 312 1.27 -28.35 9.81
N LEU A 313 1.44 -28.45 11.12
CA LEU A 313 0.97 -29.64 11.86
C LEU A 313 -0.58 -29.71 11.77
N ILE A 314 -1.22 -28.55 11.82
CA ILE A 314 -2.71 -28.46 11.71
C ILE A 314 -3.16 -28.87 10.32
N VAL A 315 -2.54 -28.24 9.33
CA VAL A 315 -2.96 -28.40 7.97
C VAL A 315 -2.62 -29.83 7.47
N ASP A 316 -1.51 -30.40 7.92
CA ASP A 316 -1.25 -31.83 7.62
C ASP A 316 -2.38 -32.75 8.09
N GLU A 317 -2.93 -32.50 9.27
CA GLU A 317 -4.11 -33.29 9.70
C GLU A 317 -5.29 -33.04 8.81
N LEU A 318 -5.53 -31.79 8.47
CA LEU A 318 -6.70 -31.43 7.65
C LEU A 318 -6.63 -32.04 6.24
N ARG A 320 -4.96 -34.80 5.45
CA ARG A 320 -5.18 -36.22 5.66
C ARG A 320 -6.68 -36.57 5.64
N ILE A 321 -7.55 -35.71 6.16
CA ILE A 321 -8.96 -36.07 6.28
C ILE A 321 -9.84 -35.53 5.16
N ILE A 322 -9.33 -34.57 4.41
CA ILE A 322 -10.11 -33.89 3.42
C ILE A 322 -10.46 -34.86 2.30
N GLN A 323 -11.69 -34.72 1.82
CA GLN A 323 -12.23 -35.51 0.73
C GLN A 323 -12.98 -34.56 -0.20
N VAL A 324 -12.75 -34.68 -1.51
CA VAL A 324 -13.55 -33.96 -2.51
C VAL A 324 -15.02 -34.49 -2.47
N ARG B 3 11.28 -5.67 -32.66
CA ARG B 3 11.38 -5.58 -31.19
C ARG B 3 10.55 -4.37 -30.74
N PRO B 5 10.40 -0.83 -29.04
CA PRO B 5 11.38 0.19 -28.69
C PRO B 5 11.59 0.36 -27.16
N ILE B 7 12.54 3.03 -24.38
CA ILE B 7 12.54 4.45 -24.09
C ILE B 7 12.93 4.68 -22.64
N THR B 8 13.94 5.53 -22.41
CA THR B 8 14.32 5.95 -21.07
C THR B 8 13.94 7.39 -20.85
N VAL B 9 13.20 7.65 -19.77
CA VAL B 9 12.74 8.97 -19.42
C VAL B 9 13.56 9.48 -18.22
N ILE B 10 14.16 10.65 -18.40
CA ILE B 10 15.05 11.26 -17.38
C ILE B 10 14.48 12.60 -16.95
N GLY B 11 14.17 12.68 -15.65
N GLY B 11 14.18 12.73 -15.68
CA GLY B 11 13.70 13.89 -14.97
CA GLY B 11 13.62 13.96 -15.16
C GLY B 11 12.28 13.86 -14.40
C GLY B 11 12.18 14.23 -15.58
N GLY B 12 11.49 14.88 -14.79
N GLY B 12 11.55 15.12 -14.82
CA GLY B 12 10.03 14.89 -14.57
CA GLY B 12 10.12 15.30 -14.88
C GLY B 12 9.52 15.87 -13.53
C GLY B 12 9.52 15.87 -13.62
N GLY B 13 8.40 16.57 -13.80
CA GLY B 13 7.73 17.36 -12.76
C GLY B 13 6.29 16.90 -12.57
N THR B 14 5.32 17.70 -13.06
CA THR B 14 3.88 17.38 -12.98
C THR B 14 3.14 16.79 -14.24
N GLY B 15 3.66 16.88 -15.49
CA GLY B 15 5.05 16.82 -15.88
C GLY B 15 5.25 15.45 -16.55
N SER B 16 6.16 14.69 -15.96
N SER B 16 6.15 14.65 -16.00
CA SER B 16 6.46 13.30 -16.36
CA SER B 16 6.41 13.31 -16.53
C SER B 16 5.26 12.35 -16.33
C SER B 16 5.25 12.27 -16.32
N PRO B 17 4.40 12.43 -15.27
CA PRO B 17 3.29 11.48 -15.14
C PRO B 17 2.42 11.42 -16.37
N VAL B 18 2.21 12.60 -16.99
CA VAL B 18 1.43 12.74 -18.22
C VAL B 18 2.11 12.01 -19.39
N ILE B 19 3.42 12.24 -19.55
CA ILE B 19 4.25 11.56 -20.56
C ILE B 19 4.32 10.06 -20.31
N LEU B 20 4.58 9.66 -19.08
CA LEU B 20 4.63 8.23 -18.76
C LEU B 20 3.27 7.54 -19.00
N SER B 22 0.97 8.37 -21.25
CA SER B 22 0.82 8.20 -22.72
C SER B 22 1.74 7.13 -23.26
N LEU B 23 3.00 7.12 -22.80
CA LEU B 23 3.95 6.09 -23.22
C LEU B 23 3.51 4.66 -22.88
N ARG B 24 2.86 4.51 -21.72
CA ARG B 24 2.36 3.19 -21.32
C ARG B 24 1.28 2.67 -22.26
N GLU B 25 0.56 3.58 -22.90
CA GLU B 25 -0.45 3.19 -23.91
C GLU B 25 0.17 2.66 -25.22
N ASP B 27 3.39 0.53 -27.39
CA ASP B 27 4.01 -0.79 -27.22
C ASP B 27 5.54 -0.60 -27.07
N VAL B 28 5.96 -0.19 -25.89
CA VAL B 28 7.34 0.23 -25.67
C VAL B 28 7.77 -0.22 -24.29
N GLU B 29 9.07 -0.52 -24.14
CA GLU B 29 9.66 -0.81 -22.83
C GLU B 29 10.14 0.50 -22.23
N ILE B 30 9.69 0.81 -21.02
CA ILE B 30 10.04 2.07 -20.36
C ILE B 30 11.00 1.90 -19.17
N ALA B 31 12.05 2.73 -19.14
CA ALA B 31 12.89 2.93 -17.98
C ALA B 31 12.79 4.37 -17.53
N ALA B 32 12.78 4.60 -16.23
CA ALA B 32 12.70 5.94 -15.66
C ALA B 32 13.92 6.12 -14.76
N ILE B 33 14.62 7.25 -14.92
CA ILE B 33 15.76 7.58 -14.06
C ILE B 33 15.37 8.81 -13.27
N VAL B 34 15.39 8.70 -11.94
CA VAL B 34 15.06 9.82 -11.03
C VAL B 34 16.18 10.13 -10.01
N THR B 35 16.21 11.38 -9.54
CA THR B 35 17.22 11.86 -8.60
C THR B 35 16.70 11.66 -7.21
N VAL B 36 17.51 11.07 -6.32
CA VAL B 36 17.16 10.91 -4.93
C VAL B 36 18.13 11.73 -4.07
N ALA B 37 17.59 12.78 -3.42
CA ALA B 37 18.32 13.59 -2.43
C ALA B 37 18.24 12.99 -1.00
N ASP B 38 18.96 13.63 -0.05
CA ASP B 38 18.96 13.30 1.40
C ASP B 38 17.93 12.27 1.88
N GLY B 57 9.31 12.40 -4.30
CA GLY B 57 8.83 13.62 -4.95
C GLY B 57 8.67 13.45 -6.47
N ASP B 58 9.76 13.60 -7.20
CA ASP B 58 9.84 13.09 -8.55
C ASP B 58 9.81 11.55 -8.48
N LEU B 59 10.47 10.97 -7.47
CA LEU B 59 10.39 9.52 -7.25
C LEU B 59 8.94 9.09 -7.05
N ARG B 60 8.20 9.87 -6.26
N ARG B 60 8.20 9.86 -6.25
CA ARG B 60 6.81 9.57 -5.89
CA ARG B 60 6.82 9.55 -5.91
C ARG B 60 5.90 9.56 -7.12
C ARG B 60 5.96 9.51 -7.17
N ASN B 61 6.02 10.58 -7.95
CA ASN B 61 5.22 10.68 -9.15
C ASN B 61 5.53 9.58 -10.18
N VAL B 62 6.80 9.16 -10.30
CA VAL B 62 7.20 8.08 -11.21
C VAL B 62 6.68 6.69 -10.69
N LEU B 63 6.78 6.47 -9.37
CA LEU B 63 6.25 5.27 -8.73
C LEU B 63 4.75 5.09 -9.05
N VAL B 64 3.96 6.10 -8.76
CA VAL B 64 2.53 6.10 -9.06
C VAL B 64 2.27 5.97 -10.57
N ALA B 65 3.04 6.70 -11.39
CA ALA B 65 2.85 6.67 -12.86
C ALA B 65 3.15 5.30 -13.46
N SER B 67 2.89 2.40 -11.77
CA SER B 67 2.29 1.37 -10.92
C SER B 67 1.24 0.56 -11.69
N ASP B 68 0.75 -0.55 -11.13
CA ASP B 68 -0.29 -1.30 -11.77
C ASP B 68 -1.67 -0.65 -11.71
N PRO B 70 -2.41 3.33 -11.32
CA PRO B 70 -2.11 4.74 -11.05
C PRO B 70 -3.23 5.62 -10.49
N PHE B 72 -5.87 4.64 -8.70
CA PHE B 72 -6.01 4.11 -7.35
C PHE B 72 -4.98 4.65 -6.40
N TYR B 73 -3.70 4.48 -6.75
CA TYR B 73 -2.63 4.90 -5.87
C TYR B 73 -2.61 6.39 -5.72
N GLU B 74 -2.93 7.13 -6.78
CA GLU B 74 -3.01 8.60 -6.69
C GLU B 74 -4.05 9.03 -5.62
N VAL B 76 -5.29 7.17 -3.17
CA VAL B 76 -4.93 6.57 -1.90
C VAL B 76 -3.79 7.35 -1.32
N PHE B 77 -2.79 7.56 -2.15
CA PHE B 77 -1.65 8.38 -1.77
C PHE B 77 -2.08 9.65 -1.05
N GLN B 78 -2.95 10.41 -1.70
CA GLN B 78 -3.21 11.82 -1.34
C GLN B 78 -4.44 12.09 -0.43
N TYR B 79 -5.14 11.05 0.02
CA TYR B 79 -6.14 11.23 1.03
C TYR B 79 -5.41 11.67 2.27
N ARG B 80 -5.98 12.63 2.99
CA ARG B 80 -5.48 13.06 4.28
C ARG B 80 -6.44 12.71 5.35
N PHE B 81 -5.94 12.21 6.47
CA PHE B 81 -6.75 11.95 7.61
C PHE B 81 -7.56 13.21 7.95
N SER B 82 -8.78 13.01 8.42
CA SER B 82 -9.72 14.10 8.70
C SER B 82 -9.50 14.73 10.05
N GLU B 83 -10.26 15.80 10.29
CA GLU B 83 -10.18 16.54 11.54
C GLU B 83 -10.55 15.68 12.73
N ASP B 84 -11.25 14.59 12.46
CA ASP B 84 -11.72 13.71 13.54
C ASP B 84 -10.71 12.58 13.85
N ALA B 85 -9.58 12.56 13.16
CA ALA B 85 -8.59 11.49 13.34
C ALA B 85 -7.58 11.82 14.44
N GLY B 86 -7.97 12.67 15.38
CA GLY B 86 -7.11 13.07 16.49
C GLY B 86 -5.67 13.34 16.09
N ALA B 87 -4.76 12.53 16.62
CA ALA B 87 -3.31 12.77 16.47
C ALA B 87 -2.83 12.68 15.03
N PHE B 88 -3.53 11.92 14.19
CA PHE B 88 -3.06 11.71 12.80
C PHE B 88 -3.65 12.76 11.84
N ALA B 89 -4.59 13.58 12.36
CA ALA B 89 -5.41 14.49 11.56
C ALA B 89 -4.57 15.31 10.61
N GLY B 90 -4.91 15.27 9.32
CA GLY B 90 -4.30 16.13 8.33
C GLY B 90 -3.13 15.55 7.56
N HIS B 91 -2.59 14.44 8.03
CA HIS B 91 -1.46 13.81 7.37
C HIS B 91 -1.89 12.96 6.16
N PRO B 92 -1.15 13.05 5.05
CA PRO B 92 -1.51 12.20 3.90
C PRO B 92 -1.05 10.75 4.06
N LEU B 93 -1.87 9.84 3.55
CA LEU B 93 -1.68 8.40 3.67
C LEU B 93 -0.41 7.94 2.95
N GLY B 94 -0.16 8.47 1.77
CA GLY B 94 0.96 8.03 0.94
C GLY B 94 2.29 8.47 1.48
N ASN B 95 2.35 9.68 2.04
CA ASN B 95 3.55 10.17 2.69
C ASN B 95 3.86 9.35 3.91
N LEU B 96 2.83 8.94 4.66
CA LEU B 96 2.99 7.97 5.74
C LEU B 96 3.68 6.70 5.27
N ILE B 97 3.23 6.16 4.12
CA ILE B 97 3.76 4.90 3.57
C ILE B 97 5.21 5.11 3.17
N ILE B 98 5.48 6.12 2.34
CA ILE B 98 6.84 6.38 1.86
C ILE B 98 7.78 6.67 3.00
N ALA B 99 7.32 7.39 4.02
CA ALA B 99 8.17 7.68 5.18
C ALA B 99 8.40 6.44 6.07
N GLY B 100 7.45 5.52 6.11
CA GLY B 100 7.55 4.34 6.98
C GLY B 100 8.48 3.28 6.40
N LEU B 101 8.37 3.03 5.11
CA LEU B 101 9.32 2.16 4.40
C LEU B 101 10.75 2.77 4.41
N SER B 102 10.86 4.08 4.22
CA SER B 102 12.13 4.83 4.34
C SER B 102 12.84 4.60 5.66
N GLU B 103 12.10 4.76 6.75
CA GLU B 103 12.60 4.57 8.12
C GLU B 103 12.99 3.11 8.37
N GLN B 105 14.08 1.04 6.23
CA GLN B 105 15.29 0.74 5.46
C GLN B 105 16.49 1.67 5.74
N GLY B 106 16.27 2.73 6.54
CA GLY B 106 17.33 3.68 6.90
C GLY B 106 17.33 4.96 6.05
N SER B 107 16.81 4.86 4.83
CA SER B 107 16.67 6.02 3.95
C SER B 107 15.68 5.69 2.83
N THR B 108 15.16 6.76 2.20
CA THR B 108 14.38 6.63 0.97
C THR B 108 15.17 5.94 -0.14
N TYR B 109 16.45 6.32 -0.28
CA TYR B 109 17.35 5.66 -1.23
C TYR B 109 17.43 4.14 -0.99
N ASN B 110 17.60 3.77 0.27
N ASN B 110 17.60 3.70 0.25
CA ASN B 110 17.65 2.35 0.71
CA ASN B 110 17.68 2.23 0.53
C ASN B 110 16.33 1.59 0.41
C ASN B 110 16.30 1.55 0.50
N ALA B 111 15.22 2.32 0.34
CA ALA B 111 13.85 1.72 0.23
C ALA B 111 13.36 1.56 -1.21
N GLN B 113 13.84 -0.48 -3.88
CA GLN B 113 13.38 -1.79 -4.34
C GLN B 113 12.01 -2.16 -3.74
N LEU B 114 11.78 -1.79 -2.48
CA LEU B 114 10.55 -2.14 -1.75
C LEU B 114 9.41 -1.26 -2.22
N LEU B 115 9.73 0.02 -2.45
CA LEU B 115 8.76 0.95 -3.01
C LEU B 115 8.17 0.42 -4.34
N SER B 116 9.03 -0.01 -5.23
CA SER B 116 8.62 -0.53 -6.53
C SER B 116 7.79 -1.80 -6.42
N PHE B 118 5.98 -2.80 -3.94
CA PHE B 118 4.66 -2.43 -3.43
C PHE B 118 3.70 -1.87 -4.52
N PHE B 119 4.18 -0.92 -5.31
CA PHE B 119 3.40 -0.33 -6.42
C PHE B 119 3.32 -1.25 -7.63
N HIS B 120 3.86 -2.46 -7.57
CA HIS B 120 3.75 -3.40 -8.67
C HIS B 120 4.11 -2.71 -9.99
N THR B 121 5.21 -1.96 -9.94
CA THR B 121 5.63 -1.13 -11.06
C THR B 121 5.99 -1.97 -12.27
N THR B 122 5.57 -1.48 -13.43
CA THR B 122 6.00 -2.01 -14.72
C THR B 122 7.31 -1.30 -15.14
N GLY B 123 8.06 -1.88 -16.06
CA GLY B 123 9.32 -1.24 -16.51
C GLY B 123 10.32 -1.19 -15.38
N ILE B 125 12.53 1.43 -12.68
CA ILE B 125 12.83 2.72 -12.07
C ILE B 125 14.24 2.65 -11.47
N TYR B 126 15.15 3.54 -11.90
CA TYR B 126 16.52 3.63 -11.35
C TYR B 126 16.77 4.98 -10.64
N PRO B 127 17.40 4.95 -9.46
CA PRO B 127 17.94 6.23 -8.98
C PRO B 127 19.10 6.60 -9.89
N SER B 128 19.36 7.87 -10.09
CA SER B 128 20.45 8.26 -10.98
C SER B 128 21.86 7.86 -10.42
N SER B 129 22.02 7.91 -9.11
CA SER B 129 23.35 7.87 -8.50
C SER B 129 23.47 6.73 -7.54
N ASP B 130 24.73 6.37 -7.25
CA ASP B 130 25.02 5.22 -6.36
C ASP B 130 24.81 5.50 -4.87
N HIS B 131 24.55 6.78 -4.52
CA HIS B 131 24.22 7.21 -3.15
C HIS B 131 23.25 8.41 -3.17
N PRO B 132 22.58 8.68 -2.04
CA PRO B 132 21.81 9.94 -1.96
C PRO B 132 22.66 11.24 -2.04
N LEU B 133 22.10 12.23 -2.71
CA LEU B 133 22.77 13.42 -3.18
C LEU B 133 22.33 14.68 -2.47
N THR B 134 23.18 15.71 -2.55
CA THR B 134 22.82 17.09 -2.23
C THR B 134 23.01 17.90 -3.49
N LEU B 135 22.00 18.70 -3.84
CA LEU B 135 22.04 19.61 -4.97
C LEU B 135 22.67 20.93 -4.52
N HIS B 136 23.52 21.50 -5.37
CA HIS B 136 24.15 22.78 -5.11
C HIS B 136 23.89 23.69 -6.31
N ALA B 137 23.63 24.97 -6.04
CA ALA B 137 23.40 25.95 -7.10
C ALA B 137 24.34 27.13 -6.88
N VAL B 138 24.97 27.58 -7.96
CA VAL B 138 25.69 28.84 -7.97
C VAL B 138 24.83 29.88 -8.71
N PHE B 139 24.64 31.02 -8.03
CA PHE B 139 23.75 32.09 -8.50
C PHE B 139 24.57 33.11 -9.23
N GLN B 140 23.91 33.95 -10.01
CA GLN B 140 24.65 34.84 -10.89
C GLN B 140 25.55 35.84 -10.16
N ASP B 141 25.19 36.19 -8.93
CA ASP B 141 26.02 37.07 -8.12
C ASP B 141 27.14 36.34 -7.41
N GLY B 142 27.30 35.05 -7.68
CA GLY B 142 28.37 34.26 -7.05
C GLY B 142 27.96 33.53 -5.78
N THR B 143 26.74 33.75 -5.31
CA THR B 143 26.28 33.07 -4.10
C THR B 143 26.09 31.57 -4.35
N GLU B 144 26.52 30.77 -3.37
CA GLU B 144 26.36 29.31 -3.35
C GLU B 144 25.28 28.91 -2.36
N VAL B 145 24.38 28.04 -2.78
CA VAL B 145 23.34 27.50 -1.92
C VAL B 145 23.28 25.97 -2.09
N ALA B 146 23.27 25.25 -0.97
CA ALA B 146 23.11 23.79 -0.92
C ALA B 146 21.70 23.40 -0.51
N GLY B 147 21.15 22.36 -1.14
CA GLY B 147 19.84 21.84 -0.77
C GLY B 147 18.76 22.41 -1.62
N GLU B 148 17.94 21.54 -2.18
CA GLU B 148 16.94 21.90 -3.12
C GLU B 148 15.96 22.98 -2.67
N SER B 149 15.47 22.85 -1.44
CA SER B 149 14.47 23.77 -0.91
C SER B 149 15.12 25.13 -0.75
N HIS B 150 16.35 25.14 -0.25
CA HIS B 150 17.06 26.40 -0.10
C HIS B 150 17.34 27.11 -1.42
N ILE B 151 17.59 26.32 -2.46
CA ILE B 151 17.88 26.84 -3.80
C ILE B 151 16.63 27.54 -4.36
N VAL B 152 15.47 26.88 -4.26
CA VAL B 152 14.23 27.45 -4.86
C VAL B 152 13.78 28.69 -4.06
N ASP B 153 14.14 28.73 -2.78
CA ASP B 153 13.81 29.87 -1.94
C ASP B 153 14.80 31.04 -2.00
N HIS B 154 15.97 30.85 -2.61
CA HIS B 154 16.96 31.92 -2.73
C HIS B 154 16.57 32.93 -3.81
N ARG B 155 16.63 34.21 -3.49
CA ARG B 155 16.35 35.27 -4.43
C ARG B 155 17.53 35.40 -5.38
N GLY B 156 17.27 35.27 -6.68
CA GLY B 156 18.33 35.44 -7.65
C GLY B 156 18.13 34.57 -8.86
N ILE B 157 19.11 34.64 -9.76
CA ILE B 157 19.09 33.94 -11.03
C ILE B 157 20.18 32.86 -10.93
N ILE B 158 19.78 31.61 -11.16
CA ILE B 158 20.71 30.48 -11.06
C ILE B 158 21.62 30.51 -12.29
N ASP B 159 22.92 30.45 -12.07
CA ASP B 159 23.88 30.27 -13.16
C ASP B 159 24.08 28.78 -13.47
N ASN B 160 24.42 27.98 -12.45
CA ASN B 160 24.64 26.55 -12.65
C ASN B 160 24.41 25.70 -11.40
N VAL B 161 24.18 24.41 -11.61
CA VAL B 161 24.03 23.45 -10.53
C VAL B 161 25.01 22.29 -10.68
N TYR B 162 25.33 21.66 -9.56
CA TYR B 162 26.10 20.43 -9.51
C TYR B 162 25.60 19.64 -8.32
N VAL B 163 26.01 18.36 -8.23
CA VAL B 163 25.57 17.50 -7.15
C VAL B 163 26.78 16.94 -6.43
N THR B 164 26.61 16.69 -5.13
CA THR B 164 27.60 15.93 -4.32
C THR B 164 26.86 14.80 -3.61
N ASN B 165 27.59 13.82 -3.08
CA ASN B 165 26.99 12.86 -2.17
C ASN B 165 26.71 13.55 -0.83
N ALA B 166 25.59 13.22 -0.22
CA ALA B 166 25.20 13.87 1.03
C ALA B 166 26.14 13.48 2.19
N LEU B 167 26.66 12.26 2.17
CA LEU B 167 27.44 11.70 3.29
C LEU B 167 28.96 11.63 3.09
N ASN B 168 29.47 12.10 1.96
CA ASN B 168 30.90 12.12 1.73
C ASN B 168 31.30 13.09 0.61
N ASP B 169 32.60 13.21 0.37
CA ASP B 169 33.18 14.10 -0.67
C ASP B 169 33.58 13.41 -1.97
N ASP B 170 33.16 12.18 -2.15
CA ASP B 170 33.50 11.43 -3.35
C ASP B 170 32.63 11.86 -4.53
N THR B 171 33.19 11.73 -5.74
CA THR B 171 32.41 11.95 -6.96
C THR B 171 31.18 11.02 -6.97
N PRO B 172 29.97 11.59 -7.13
CA PRO B 172 28.78 10.80 -7.41
C PRO B 172 28.96 9.97 -8.63
N LEU B 173 28.59 8.71 -8.53
CA LEU B 173 28.66 7.78 -9.67
C LEU B 173 27.26 7.32 -10.05
N ALA B 174 27.09 6.77 -11.25
CA ALA B 174 25.78 6.28 -11.65
C ALA B 174 25.51 5.00 -10.89
N SER B 175 24.26 4.78 -10.53
CA SER B 175 23.85 3.52 -9.92
C SER B 175 23.95 2.37 -10.94
N ARG B 176 23.81 1.17 -10.43
CA ARG B 176 23.91 -0.10 -11.20
C ARG B 176 22.94 -0.09 -12.37
N ARG B 177 23.38 -0.45 -13.57
CA ARG B 177 22.45 -0.54 -14.70
C ARG B 177 22.09 0.74 -15.45
N VAL B 178 22.30 1.90 -14.84
CA VAL B 178 21.86 3.18 -15.46
C VAL B 178 22.63 3.48 -16.76
N VAL B 179 23.97 3.33 -16.76
CA VAL B 179 24.76 3.56 -17.96
C VAL B 179 24.35 2.59 -19.07
N GLN B 180 24.31 1.29 -18.75
CA GLN B 180 23.89 0.27 -19.70
C GLN B 180 22.52 0.59 -20.32
N THR B 181 21.56 0.95 -19.47
CA THR B 181 20.22 1.33 -19.90
C THR B 181 20.23 2.48 -20.91
N ILE B 182 21.01 3.51 -20.63
CA ILE B 182 21.12 4.67 -21.51
C ILE B 182 21.73 4.27 -22.85
N LEU B 183 22.82 3.48 -22.80
CA LEU B 183 23.51 3.01 -23.99
C LEU B 183 22.67 2.06 -24.83
N GLU B 184 21.80 1.28 -24.20
CA GLU B 184 21.01 0.30 -24.93
C GLU B 184 19.66 0.87 -25.37
N SER B 185 19.38 2.15 -25.09
CA SER B 185 18.04 2.70 -25.36
C SER B 185 17.86 3.04 -26.85
N ASP B 186 16.62 2.96 -27.36
CA ASP B 186 16.31 3.52 -28.67
C ASP B 186 16.12 5.01 -28.64
N ILE B 188 16.03 8.47 -25.54
CA ILE B 188 16.05 9.10 -24.22
C ILE B 188 15.18 10.32 -24.34
N VAL B 189 14.25 10.48 -23.41
CA VAL B 189 13.43 11.64 -23.33
C VAL B 189 13.82 12.40 -22.08
N LEU B 190 14.27 13.64 -22.28
CA LEU B 190 14.66 14.52 -21.18
C LEU B 190 13.52 15.48 -20.95
N GLY B 191 13.05 15.53 -19.71
CA GLY B 191 11.94 16.40 -19.37
C GLY B 191 10.61 15.77 -19.75
N PRO B 192 9.52 16.52 -19.60
CA PRO B 192 9.56 17.91 -19.13
C PRO B 192 9.82 18.00 -17.59
N GLY B 193 9.95 19.19 -17.05
CA GLY B 193 10.24 19.36 -15.60
C GLY B 193 11.16 20.53 -15.37
N SER B 194 11.29 20.98 -14.14
CA SER B 194 12.20 22.06 -13.84
C SER B 194 13.60 21.66 -14.26
N LEU B 195 14.21 22.52 -15.05
CA LEU B 195 15.52 22.31 -15.60
C LEU B 195 16.55 22.20 -14.48
N PHE B 196 16.52 23.11 -13.51
CA PHE B 196 17.56 23.13 -12.49
C PHE B 196 17.41 22.14 -11.36
N THR B 197 16.20 21.73 -11.06
CA THR B 197 15.96 20.90 -9.91
C THR B 197 15.36 19.54 -10.25
N SER B 198 14.91 19.32 -11.49
CA SER B 198 14.51 17.98 -11.90
C SER B 198 15.39 17.35 -12.97
N ILE B 199 15.74 18.09 -14.02
CA ILE B 199 16.45 17.48 -15.16
C ILE B 199 17.95 17.48 -14.95
N LEU B 200 18.51 18.66 -14.71
CA LEU B 200 19.97 18.78 -14.60
C LEU B 200 20.63 17.94 -13.50
N PRO B 201 19.98 17.80 -12.32
CA PRO B 201 20.68 16.94 -11.35
C PRO B 201 21.02 15.53 -11.83
N ASN B 202 20.20 14.98 -12.75
CA ASN B 202 20.48 13.64 -13.33
C ASN B 202 21.64 13.67 -14.28
N ILE B 203 21.73 14.70 -15.09
CA ILE B 203 22.75 14.66 -16.13
C ILE B 203 24.09 15.27 -15.73
N VAL B 204 24.16 15.91 -14.56
CA VAL B 204 25.44 16.40 -14.07
C VAL B 204 26.25 15.34 -13.29
N ILE B 205 25.68 14.13 -13.12
CA ILE B 205 26.43 12.93 -12.73
C ILE B 205 27.28 12.58 -13.91
N GLU B 207 29.14 10.13 -15.03
CA GLU B 207 28.91 8.90 -15.81
C GLU B 207 27.65 8.94 -16.67
N ILE B 208 26.59 9.55 -16.17
CA ILE B 208 25.37 9.74 -16.93
C ILE B 208 25.59 10.70 -18.12
N GLY B 209 26.25 11.82 -17.89
CA GLY B 209 26.60 12.72 -18.97
C GLY B 209 27.37 12.03 -20.06
N ARG B 210 28.38 11.24 -19.69
CA ARG B 210 29.17 10.51 -20.67
C ARG B 210 28.32 9.50 -21.42
N ALA B 211 27.37 8.87 -20.73
CA ALA B 211 26.51 7.87 -21.35
C ALA B 211 25.59 8.56 -22.36
N LEU B 212 25.11 9.74 -22.02
CA LEU B 212 24.29 10.53 -22.95
C LEU B 212 25.08 10.99 -24.19
N LEU B 213 26.35 11.36 -24.01
CA LEU B 213 27.16 11.81 -25.15
C LEU B 213 27.46 10.64 -26.10
N GLU B 214 27.66 9.44 -25.55
CA GLU B 214 28.03 8.30 -26.35
C GLU B 214 26.90 7.49 -26.88
N THR B 215 25.73 7.54 -26.27
CA THR B 215 24.65 6.61 -26.70
C THR B 215 24.25 6.90 -28.14
N ALA B 217 21.22 6.27 -28.87
CA ALA B 217 19.79 6.59 -28.73
C ALA B 217 19.55 8.01 -29.22
N GLU B 218 18.39 8.22 -29.84
CA GLU B 218 17.92 9.55 -30.19
C GLU B 218 17.65 10.27 -28.87
N ILE B 219 18.27 11.42 -28.64
CA ILE B 219 18.00 12.21 -27.43
C ILE B 219 17.01 13.35 -27.72
N ALA B 220 15.83 13.24 -27.10
CA ALA B 220 14.73 14.20 -27.24
C ALA B 220 14.52 15.01 -25.97
N TYR B 221 14.36 16.32 -26.10
CA TYR B 221 14.10 17.19 -25.00
C TYR B 221 12.73 17.85 -25.16
N VAL B 222 11.87 17.68 -24.15
CA VAL B 222 10.56 18.32 -24.12
C VAL B 222 10.68 19.55 -23.24
N CYS B 223 10.55 20.71 -23.86
CA CYS B 223 10.73 21.95 -23.18
C CYS B 223 9.50 22.32 -22.30
N ASN B 224 9.74 23.18 -21.32
CA ASN B 224 8.70 23.62 -20.39
C ASN B 224 7.66 24.48 -21.09
N ILE B 225 6.46 24.51 -20.54
CA ILE B 225 5.45 25.48 -21.00
C ILE B 225 5.69 26.89 -20.43
N THR B 227 8.02 29.61 -17.63
CA THR B 227 9.23 29.90 -16.85
C THR B 227 9.05 29.49 -15.36
N GLN B 228 10.18 29.28 -14.66
CA GLN B 228 10.24 28.84 -13.26
C GLN B 228 11.05 29.82 -12.37
N ARG B 229 10.94 29.66 -11.04
CA ARG B 229 11.91 30.22 -10.06
C ARG B 229 13.38 29.99 -10.41
N GLY B 230 14.19 31.04 -10.27
CA GLY B 230 15.62 30.98 -10.57
C GLY B 230 15.92 31.35 -12.01
N GLU B 231 14.87 31.55 -12.81
CA GLU B 231 14.97 31.83 -14.27
C GLU B 231 14.42 33.21 -14.64
N THR B 232 15.05 33.85 -15.63
CA THR B 232 14.57 35.15 -16.08
C THR B 232 13.33 35.03 -16.98
N GLU B 233 12.59 36.13 -17.12
CA GLU B 233 11.36 36.18 -17.92
C GLU B 233 11.66 35.87 -19.40
N HIS B 234 12.86 36.24 -19.85
CA HIS B 234 13.26 36.08 -21.24
C HIS B 234 14.13 34.86 -21.41
N PHE B 235 13.87 33.84 -20.58
CA PHE B 235 14.54 32.53 -20.69
C PHE B 235 13.80 31.71 -21.75
N THR B 236 14.27 31.79 -23.00
CA THR B 236 13.53 31.24 -24.16
C THR B 236 13.68 29.71 -24.22
N ASP B 237 12.89 29.03 -25.07
CA ASP B 237 13.13 27.60 -25.27
C ASP B 237 14.57 27.37 -25.69
N SER B 238 15.09 28.20 -26.59
CA SER B 238 16.49 28.07 -27.04
C SER B 238 17.53 28.17 -25.88
N ASP B 239 17.28 29.05 -24.93
CA ASP B 239 18.12 29.22 -23.77
C ASP B 239 18.04 27.99 -22.84
N HIS B 240 16.92 27.26 -22.85
CA HIS B 240 16.84 26.00 -22.06
C HIS B 240 17.84 25.00 -22.63
N VAL B 241 17.86 24.86 -23.95
CA VAL B 241 18.78 23.96 -24.62
C VAL B 241 20.24 24.37 -24.37
N GLU B 242 20.53 25.66 -24.43
CA GLU B 242 21.88 26.13 -24.22
C GLU B 242 22.39 25.73 -22.83
N VAL B 243 21.53 25.85 -21.82
CA VAL B 243 21.87 25.51 -20.44
C VAL B 243 22.14 24.01 -20.23
N LEU B 244 21.31 23.14 -20.82
CA LEU B 244 21.55 21.69 -20.81
C LEU B 244 22.87 21.31 -21.45
N HIS B 245 23.15 21.90 -22.61
CA HIS B 245 24.37 21.65 -23.35
C HIS B 245 25.60 22.10 -22.59
N ARG B 246 25.48 23.25 -21.98
CA ARG B 246 26.55 23.82 -21.19
C ARG B 246 26.88 22.93 -19.97
N HIS B 247 25.86 22.44 -19.27
CA HIS B 247 26.10 21.57 -18.13
C HIS B 247 26.73 20.22 -18.46
N LEU B 248 26.42 19.69 -19.63
N LEU B 248 26.40 19.65 -19.61
CA LEU B 248 27.00 18.45 -20.06
CA LEU B 248 27.09 18.44 -20.06
C LEU B 248 28.33 18.70 -20.83
C LEU B 248 28.42 18.75 -20.72
N GLY B 249 28.54 19.95 -21.23
CA GLY B 249 29.82 20.38 -21.81
C GLY B 249 29.90 20.40 -23.31
N ARG B 250 28.98 19.70 -23.98
CA ARG B 250 28.93 19.60 -25.44
C ARG B 250 27.46 19.58 -25.84
N PRO B 251 27.13 19.99 -27.07
CA PRO B 251 25.84 19.64 -27.65
C PRO B 251 25.57 18.14 -27.70
N PHE B 252 24.34 17.74 -27.33
CA PHE B 252 23.99 16.33 -27.35
C PHE B 252 22.51 16.04 -27.70
N ILE B 253 21.65 17.06 -27.71
CA ILE B 253 20.22 16.88 -27.93
C ILE B 253 20.02 16.78 -29.45
N ASP B 254 19.32 15.74 -29.86
CA ASP B 254 18.97 15.46 -31.27
C ASP B 254 17.65 16.06 -31.72
N THR B 255 16.65 16.00 -30.85
CA THR B 255 15.31 16.49 -31.16
C THR B 255 14.81 17.38 -30.01
N VAL B 256 14.16 18.49 -30.33
CA VAL B 256 13.59 19.35 -29.30
C VAL B 256 12.14 19.63 -29.63
N LEU B 257 11.25 19.39 -28.67
CA LEU B 257 9.83 19.60 -28.88
C LEU B 257 9.42 20.84 -28.05
N VAL B 258 8.88 21.85 -28.72
CA VAL B 258 8.47 23.10 -28.03
C VAL B 258 7.00 23.44 -28.32
N ASN B 259 6.29 23.92 -27.30
CA ASN B 259 4.89 24.38 -27.45
C ASN B 259 4.90 25.82 -27.94
N ILE B 260 4.02 26.10 -28.90
CA ILE B 260 3.81 27.46 -29.40
C ILE B 260 2.36 27.98 -29.24
N GLU B 261 1.52 27.17 -28.61
CA GLU B 261 0.15 27.61 -28.30
C GLU B 261 0.16 28.58 -27.09
N VAL B 263 -0.85 30.45 -23.78
CA VAL B 263 -1.59 30.27 -22.52
C VAL B 263 -2.34 31.58 -22.31
N PRO B 264 -3.70 31.56 -22.36
CA PRO B 264 -4.40 32.87 -22.29
C PRO B 264 -4.26 33.60 -20.92
N GLN B 265 -4.11 34.93 -20.95
CA GLN B 265 -3.90 35.68 -19.72
C GLN B 265 -5.12 35.56 -18.79
N GLU B 266 -6.33 35.65 -19.34
CA GLU B 266 -7.57 35.44 -18.54
C GLU B 266 -7.54 34.10 -17.80
N TYR B 267 -7.01 33.07 -18.48
CA TYR B 267 -6.87 31.75 -17.87
C TYR B 267 -5.94 31.84 -16.65
N ASN B 269 -5.03 34.47 -14.84
CA ASN B 269 -5.65 35.27 -13.78
C ASN B 269 -6.67 34.46 -12.96
N SER B 270 -7.62 33.83 -13.67
CA SER B 270 -8.66 32.96 -13.06
C SER B 270 -8.09 31.85 -12.18
N ASN B 271 -7.04 31.19 -12.63
CA ASN B 271 -6.47 30.03 -11.91
C ASN B 271 -5.30 30.38 -10.99
N ARG B 272 -5.15 31.67 -10.71
CA ARG B 272 -4.26 32.15 -9.64
C ARG B 272 -2.78 31.81 -9.92
N PHE B 273 -2.33 32.12 -11.14
CA PHE B 273 -0.92 31.89 -11.52
C PHE B 273 -0.01 32.94 -10.86
N ASP B 274 1.23 32.57 -10.56
CA ASP B 274 2.25 33.51 -10.09
C ASP B 274 2.56 34.49 -11.24
N GLU B 275 2.52 35.79 -10.94
CA GLU B 275 2.61 36.88 -11.92
C GLU B 275 3.98 37.03 -12.57
N TYR B 276 5.04 36.98 -11.74
CA TYR B 276 6.44 37.03 -12.22
C TYR B 276 6.84 35.91 -13.24
N LEU B 277 6.14 34.76 -13.21
CA LEU B 277 6.42 33.66 -14.13
C LEU B 277 5.55 33.76 -15.39
N VAL B 278 6.20 33.80 -16.55
CA VAL B 278 5.51 33.96 -17.84
C VAL B 278 5.61 32.69 -18.67
N GLN B 279 4.88 32.60 -19.78
CA GLN B 279 5.04 31.50 -20.74
C GLN B 279 6.43 31.57 -21.37
N VAL B 280 7.05 30.42 -21.61
CA VAL B 280 8.36 30.39 -22.25
C VAL B 280 8.26 31.06 -23.62
N GLU B 281 9.19 31.97 -23.92
CA GLU B 281 9.31 32.57 -25.25
C GLU B 281 9.95 31.62 -26.27
N HIS B 282 9.37 31.61 -27.46
CA HIS B 282 9.84 30.79 -28.56
C HIS B 282 10.92 31.50 -29.33
N ASP B 283 12.04 30.80 -29.60
CA ASP B 283 13.13 31.30 -30.46
C ASP B 283 13.64 30.23 -31.45
N PHE B 284 12.98 30.15 -32.60
CA PHE B 284 13.21 29.09 -33.58
C PHE B 284 14.61 29.06 -34.15
N VAL B 285 15.10 30.24 -34.52
CA VAL B 285 16.44 30.39 -35.07
C VAL B 285 17.50 29.89 -34.09
N GLY B 286 17.45 30.36 -32.84
CA GLY B 286 18.35 29.83 -31.80
C GLY B 286 18.26 28.32 -31.57
N LEU B 287 17.03 27.80 -31.52
CA LEU B 287 16.84 26.35 -31.42
C LEU B 287 17.51 25.61 -32.58
N CYS B 288 17.21 26.04 -33.81
CA CYS B 288 17.79 25.42 -35.02
C CYS B 288 19.32 25.47 -35.08
N GLN B 290 21.23 25.04 -32.59
CA GLN B 290 21.71 24.08 -31.63
C GLN B 290 21.28 22.63 -31.82
N VAL B 291 20.16 22.40 -32.48
CA VAL B 291 19.56 21.05 -32.49
C VAL B 291 19.07 20.75 -33.88
N SER B 292 19.26 19.52 -34.36
CA SER B 292 18.96 19.20 -35.77
C SER B 292 17.49 19.20 -36.05
N ARG B 293 16.72 18.58 -35.18
CA ARG B 293 15.31 18.53 -35.39
C ARG B 293 14.57 19.33 -34.34
N VAL B 294 13.85 20.35 -34.79
CA VAL B 294 13.03 21.23 -33.93
C VAL B 294 11.58 21.06 -34.28
N ILE B 295 10.76 20.65 -33.32
CA ILE B 295 9.32 20.45 -33.53
C ILE B 295 8.60 21.47 -32.65
N SER B 296 7.95 22.42 -33.32
CA SER B 296 7.16 23.49 -32.71
C SER B 296 5.69 23.25 -33.05
N SER B 297 4.85 23.09 -32.04
CA SER B 297 3.49 22.70 -32.28
C SER B 297 2.66 22.98 -31.02
N ASN B 298 1.36 22.73 -31.07
CA ASN B 298 0.52 22.77 -29.89
C ASN B 298 0.77 21.53 -29.05
N PHE B 299 1.37 21.72 -27.88
CA PHE B 299 1.49 20.65 -26.91
C PHE B 299 0.86 21.13 -25.59
N LEU B 300 -0.08 22.07 -25.67
CA LEU B 300 -0.65 22.69 -24.47
C LEU B 300 -2.00 22.04 -24.15
N ARG B 301 -2.19 21.78 -22.87
CA ARG B 301 -3.46 21.30 -22.32
C ARG B 301 -3.85 22.20 -21.11
N LEU B 302 -4.90 23.00 -21.26
CA LEU B 302 -5.41 23.88 -20.17
C LEU B 302 -6.60 23.20 -19.43
N GLU B 303 -6.36 22.60 -18.26
CA GLU B 303 -7.27 21.55 -17.79
C GLU B 303 -7.73 21.62 -16.35
N ASN B 304 -6.80 21.42 -15.41
CA ASN B 304 -7.16 21.34 -14.00
C ASN B 304 -6.64 22.56 -13.28
N GLY B 305 -7.08 23.73 -13.76
CA GLY B 305 -6.55 25.01 -13.33
C GLY B 305 -5.04 25.16 -13.55
N GLY B 306 -4.54 24.57 -14.65
CA GLY B 306 -3.13 24.63 -15.01
C GLY B 306 -2.88 24.78 -16.50
N ALA B 307 -1.64 25.16 -16.82
CA ALA B 307 -1.10 25.11 -18.18
C ALA B 307 -0.16 23.89 -18.26
N PHE B 308 -0.70 22.76 -18.70
CA PHE B 308 0.08 21.52 -18.71
C PHE B 308 0.41 21.02 -20.10
N HIS B 309 1.41 20.13 -20.14
CA HIS B 309 1.78 19.41 -21.35
C HIS B 309 0.68 18.41 -21.69
N ASP B 310 0.31 18.34 -22.96
CA ASP B 310 -0.54 17.28 -23.48
C ASP B 310 0.30 16.06 -23.84
N GLY B 311 0.23 15.04 -22.99
CA GLY B 311 1.07 13.87 -23.11
C GLY B 311 0.90 13.11 -24.39
N ASP B 312 -0.34 13.01 -24.91
CA ASP B 312 -0.61 12.19 -26.09
C ASP B 312 -0.02 12.85 -27.31
N LEU B 313 -0.13 14.17 -27.38
CA LEU B 313 0.38 14.87 -28.55
C LEU B 313 1.91 14.80 -28.58
N ILE B 314 2.53 14.93 -27.43
CA ILE B 314 3.98 14.85 -27.34
C ILE B 314 4.40 13.42 -27.69
N VAL B 315 3.82 12.43 -27.01
CA VAL B 315 4.15 11.03 -27.31
C VAL B 315 3.87 10.58 -28.75
N ASP B 316 2.78 11.07 -29.36
CA ASP B 316 2.52 10.85 -30.79
C ASP B 316 3.69 11.31 -31.66
N GLU B 317 4.18 12.54 -31.42
CA GLU B 317 5.38 13.02 -32.11
C GLU B 317 6.61 12.13 -31.92
N LEU B 318 6.90 11.73 -30.67
CA LEU B 318 8.08 10.93 -30.37
C LEU B 318 8.01 9.58 -31.05
N ARG B 320 6.38 8.77 -33.77
N ARG B 320 6.37 8.77 -33.79
CA ARG B 320 6.59 9.08 -35.19
CA ARG B 320 6.59 9.08 -35.21
C ARG B 320 8.07 9.24 -35.60
C ARG B 320 8.09 9.18 -35.58
N ILE B 321 8.93 9.63 -34.65
CA ILE B 321 10.38 9.85 -34.89
C ILE B 321 11.21 8.58 -34.63
N ILE B 322 10.69 7.72 -33.77
CA ILE B 322 11.47 6.61 -33.25
C ILE B 322 11.80 5.59 -34.35
N GLN B 323 13.01 5.05 -34.28
CA GLN B 323 13.46 3.95 -35.14
C GLN B 323 14.07 2.89 -34.21
N VAL B 324 13.87 1.61 -34.51
CA VAL B 324 14.52 0.50 -33.75
C VAL B 324 15.71 -0.07 -34.53
#